data_3DMC
#
_entry.id   3DMC
#
_cell.length_a   37.777
_cell.length_b   42.138
_cell.length_c   46.342
_cell.angle_alpha   87.970
_cell.angle_beta   65.830
_cell.angle_gamma   83.740
#
_symmetry.space_group_name_H-M   'P 1'
#
loop_
_entity.id
_entity.type
_entity.pdbx_description
1 polymer 'NTF2-like Protein'
2 non-polymer 'ACETATE ION'
3 water water
#
_entity_poly.entity_id   1
_entity_poly.type   'polypeptide(L)'
_entity_poly.pdbx_seq_one_letter_code
;G(MSE)(MSE)THYSDNTLKVAHQGFEFFTQGLATGEWQKFLD(MSE)LTEDFTFWFP(MSE)GEFHGLNVGKERAKEFF
TYVSESFHTGIQISSLDRVTSNETTVVFEFRDEGLFLGKPYKNRVAVSFDVRGDKICSYREYFGSDGKSN
;
_entity_poly.pdbx_strand_id   A,B
#
# COMPACT_ATOMS: atom_id res chain seq x y z
N GLY A 1 -3.34 15.41 -0.92
CA GLY A 1 -3.10 16.73 -1.60
C GLY A 1 -1.65 17.16 -1.62
N THR A 4 0.44 21.25 2.27
CA THR A 4 0.31 21.11 3.71
C THR A 4 0.68 22.40 4.44
N HIS A 5 0.60 22.33 5.75
CA HIS A 5 0.66 23.50 6.64
C HIS A 5 0.64 22.99 8.05
N TYR A 6 1.09 23.82 8.97
CA TYR A 6 1.22 23.35 10.35
C TYR A 6 -0.16 22.93 10.88
N SER A 7 -1.23 23.37 10.23
CA SER A 7 -2.62 23.07 10.67
C SER A 7 -3.12 21.72 10.19
N ASP A 8 -2.23 21.02 9.48
CA ASP A 8 -2.51 19.65 8.97
C ASP A 8 -2.46 18.61 10.12
N ASN A 9 -3.60 18.44 10.78
CA ASN A 9 -3.72 17.62 11.99
C ASN A 9 -3.62 16.17 11.60
N THR A 10 -4.11 15.88 10.40
CA THR A 10 -4.09 14.50 9.90
C THR A 10 -2.63 13.99 9.82
N LEU A 11 -1.78 14.79 9.19
CA LEU A 11 -0.37 14.45 9.07
C LEU A 11 0.30 14.40 10.43
N LYS A 12 0.02 15.41 11.26
CA LYS A 12 0.63 15.50 12.57
C LYS A 12 0.33 14.25 13.40
N VAL A 13 -0.95 13.94 13.50
CA VAL A 13 -1.41 12.81 14.31
C VAL A 13 -0.88 11.49 13.75
N ALA A 14 -0.98 11.33 12.44
CA ALA A 14 -0.47 10.07 11.79
C ALA A 14 1.03 9.89 12.07
N HIS A 15 1.77 10.99 11.94
CA HIS A 15 3.22 10.90 12.17
C HIS A 15 3.49 10.50 13.62
N GLN A 16 2.67 10.99 14.54
CA GLN A 16 2.88 10.62 15.94
C GLN A 16 2.59 9.15 16.09
N GLY A 17 1.50 8.70 15.49
CA GLY A 17 1.18 7.26 15.46
C GLY A 17 2.30 6.42 14.89
N PHE A 18 2.93 6.93 13.84
CA PHE A 18 3.98 6.16 13.15
C PHE A 18 5.22 6.07 14.05
N GLU A 19 5.47 7.13 14.82
CA GLU A 19 6.55 7.06 15.81
C GLU A 19 6.28 5.95 16.82
N PHE A 20 5.07 5.90 17.35
CA PHE A 20 4.73 4.86 18.36
C PHE A 20 4.71 3.46 17.75
N PHE A 21 4.41 3.41 16.44
CA PHE A 21 4.38 2.14 15.69
C PHE A 21 5.82 1.65 15.50
N THR A 22 6.70 2.59 15.18
CA THR A 22 8.13 2.31 15.03
C THR A 22 8.64 1.72 16.34
N GLN A 23 8.29 2.39 17.43
CA GLN A 23 8.74 2.01 18.78
C GLN A 23 8.22 0.60 19.16
N GLY A 24 6.98 0.32 18.77
CA GLY A 24 6.38 -0.97 19.05
C GLY A 24 7.09 -2.07 18.31
N LEU A 25 7.42 -1.78 17.04
CA LEU A 25 8.09 -2.77 16.25
C LEU A 25 9.48 -3.05 16.83
N ALA A 26 10.17 -2.00 17.26
CA ALA A 26 11.59 -2.14 17.67
C ALA A 26 11.70 -2.77 19.04
N THR A 27 10.69 -2.55 19.86
CA THR A 27 10.78 -2.85 21.31
C THR A 27 9.74 -3.82 21.86
N GLY A 28 8.64 -3.96 21.14
CA GLY A 28 7.54 -4.85 21.50
C GLY A 28 6.63 -4.24 22.55
N GLU A 29 6.89 -2.98 22.84
CA GLU A 29 6.03 -2.20 23.74
C GLU A 29 5.06 -1.34 22.93
N TRP A 30 3.80 -1.72 23.00
CA TRP A 30 2.74 -1.17 22.14
C TRP A 30 1.77 -0.21 22.86
N GLN A 31 1.92 -0.01 24.17
CA GLN A 31 0.91 0.77 24.89
C GLN A 31 0.72 2.17 24.33
N LYS A 32 1.80 2.80 23.89
CA LYS A 32 1.75 4.20 23.48
C LYS A 32 0.96 4.29 22.18
N PHE A 33 1.21 3.32 21.29
CA PHE A 33 0.44 3.23 20.03
C PHE A 33 -1.04 2.97 20.32
N LEU A 34 -1.31 2.01 21.19
CA LEU A 34 -2.68 1.61 21.52
C LEU A 34 -3.47 2.77 22.11
N ASP A 35 -2.78 3.57 22.90
CA ASP A 35 -3.41 4.66 23.61
C ASP A 35 -3.91 5.72 22.62
N LEU A 37 -5.34 4.97 19.80
CA LEU A 37 -6.40 4.36 18.96
C LEU A 37 -7.79 4.64 19.54
N THR A 38 -8.73 4.90 18.64
CA THR A 38 -10.13 5.14 19.01
C THR A 38 -10.79 3.84 19.49
N GLU A 39 -11.89 3.97 20.22
CA GLU A 39 -12.53 2.80 20.79
C GLU A 39 -13.11 1.89 19.71
N ASP A 40 -13.41 2.49 18.57
CA ASP A 40 -14.01 1.77 17.43
C ASP A 40 -12.95 1.43 16.39
N PHE A 41 -11.71 1.44 16.85
CA PHE A 41 -10.54 1.14 15.98
C PHE A 41 -10.75 -0.18 15.21
N THR A 42 -10.47 -0.15 13.91
CA THR A 42 -10.46 -1.40 13.11
C THR A 42 -9.15 -1.50 12.37
N PHE A 43 -8.79 -2.72 12.05
CA PHE A 43 -7.53 -2.92 11.29
C PHE A 43 -7.73 -4.07 10.34
N TRP A 44 -7.14 -3.90 9.17
CA TRP A 44 -7.19 -4.92 8.12
C TRP A 44 -5.78 -5.47 7.88
N PHE A 45 -5.67 -6.78 7.79
CA PHE A 45 -4.40 -7.48 7.60
C PHE A 45 -4.54 -8.59 6.53
N PRO A 46 -3.47 -8.87 5.77
CA PRO A 46 -3.72 -9.66 4.57
C PRO A 46 -3.97 -11.13 4.71
N GLY A 48 -3.62 -14.94 7.44
CA GLY A 48 -3.42 -15.72 8.65
C GLY A 48 -4.53 -15.48 9.63
N GLU A 49 -4.18 -15.65 10.88
CA GLU A 49 -5.15 -15.58 11.98
C GLU A 49 -5.91 -14.28 11.96
N PHE A 50 -5.20 -13.21 11.62
CA PHE A 50 -5.76 -11.85 11.61
C PHE A 50 -6.16 -11.35 10.21
N HIS A 51 -6.32 -12.29 9.29
CA HIS A 51 -6.77 -11.90 7.96
C HIS A 51 -8.08 -11.16 8.06
N GLY A 52 -8.19 -10.12 7.27
CA GLY A 52 -9.41 -9.35 7.06
C GLY A 52 -9.64 -8.24 8.05
N LEU A 53 -10.92 -7.95 8.29
CA LEU A 53 -11.31 -6.86 9.17
C LEU A 53 -11.34 -7.33 10.61
N ASN A 54 -10.66 -6.58 11.46
CA ASN A 54 -10.58 -6.84 12.89
C ASN A 54 -11.08 -5.65 13.63
N VAL A 55 -11.89 -5.89 14.67
CA VAL A 55 -12.57 -4.77 15.33
C VAL A 55 -12.18 -4.65 16.78
N GLY A 56 -11.85 -3.42 17.17
CA GLY A 56 -11.57 -3.09 18.57
C GLY A 56 -10.16 -3.20 19.11
N LYS A 57 -9.95 -2.53 20.24
CA LYS A 57 -8.60 -2.35 20.82
C LYS A 57 -8.05 -3.57 21.56
N GLU A 58 -8.94 -4.41 22.07
CA GLU A 58 -8.51 -5.67 22.69
C GLU A 58 -7.88 -6.54 21.63
N ARG A 59 -8.59 -6.65 20.52
CA ARG A 59 -8.13 -7.45 19.38
C ARG A 59 -6.85 -6.83 18.79
N ALA A 60 -6.79 -5.51 18.81
CA ALA A 60 -5.57 -4.80 18.31
C ALA A 60 -4.36 -5.20 19.14
N LYS A 61 -4.54 -5.19 20.46
CA LYS A 61 -3.46 -5.61 21.36
C LYS A 61 -2.97 -7.03 21.08
N GLU A 62 -3.93 -7.91 20.82
CA GLU A 62 -3.59 -9.30 20.53
C GLU A 62 -2.69 -9.32 19.29
N PHE A 63 -3.17 -8.62 18.27
CA PHE A 63 -2.45 -8.55 16.99
C PHE A 63 -1.00 -8.04 17.16
N PHE A 64 -0.87 -6.91 17.84
CA PHE A 64 0.47 -6.27 17.91
C PHE A 64 1.42 -7.12 18.79
N THR A 65 0.85 -7.73 19.81
CA THR A 65 1.62 -8.66 20.65
C THR A 65 2.12 -9.85 19.83
N TYR A 66 1.24 -10.30 18.95
CA TYR A 66 1.48 -11.42 18.06
C TYR A 66 2.59 -11.07 17.09
N VAL A 67 2.53 -9.85 16.59
CA VAL A 67 3.53 -9.39 15.61
C VAL A 67 4.90 -9.48 16.25
N SER A 68 5.00 -8.98 17.48
CA SER A 68 6.29 -8.88 18.18
C SER A 68 6.80 -10.20 18.79
N GLU A 69 5.91 -11.16 18.98
CA GLU A 69 6.25 -12.36 19.75
C GLU A 69 7.45 -13.13 19.20
N SER A 70 7.62 -13.12 17.89
CA SER A 70 8.68 -13.95 17.27
C SER A 70 9.86 -13.11 16.79
N PHE A 71 9.76 -11.82 17.01
CA PHE A 71 10.92 -10.96 16.77
C PHE A 71 11.61 -10.59 18.07
N HIS A 72 12.48 -11.49 18.50
CA HIS A 72 13.00 -11.42 19.86
C HIS A 72 13.83 -10.15 20.10
N THR A 73 14.35 -9.57 19.03
CA THR A 73 15.06 -8.30 19.16
C THR A 73 14.44 -7.20 18.30
N GLY A 74 13.18 -7.44 17.94
CA GLY A 74 12.37 -6.49 17.19
C GLY A 74 12.57 -6.44 15.68
N ILE A 75 11.80 -5.52 15.11
CA ILE A 75 11.84 -5.12 13.70
C ILE A 75 12.25 -3.67 13.62
N GLN A 76 13.19 -3.42 12.73
CA GLN A 76 13.69 -2.07 12.41
C GLN A 76 13.06 -1.55 11.13
N ILE A 77 12.79 -0.26 11.13
CA ILE A 77 12.40 0.46 9.92
C ILE A 77 13.64 1.05 9.31
N SER A 78 14.02 0.41 8.19
CA SER A 78 15.28 0.66 7.50
C SER A 78 15.20 2.00 6.76
N SER A 79 14.04 2.24 6.20
CA SER A 79 13.75 3.51 5.53
C SER A 79 12.26 3.77 5.49
N LEU A 80 11.93 5.03 5.65
CA LEU A 80 10.57 5.56 5.38
C LEU A 80 10.62 6.40 4.10
N ASP A 81 10.03 5.87 3.03
CA ASP A 81 10.34 6.32 1.67
C ASP A 81 9.33 7.31 1.12
N ARG A 82 8.06 7.07 1.45
CA ARG A 82 6.97 7.90 0.93
C ARG A 82 5.87 8.00 1.96
N VAL A 83 5.43 9.23 2.18
CA VAL A 83 4.31 9.51 3.06
C VAL A 83 3.32 10.38 2.32
N THR A 84 2.14 9.83 2.10
CA THR A 84 1.11 10.55 1.35
C THR A 84 -0.13 10.71 2.22
N SER A 85 -0.92 11.76 1.93
CA SER A 85 -2.12 11.99 2.72
C SER A 85 -3.23 12.67 1.95
N ASN A 86 -4.35 12.68 2.63
CA ASN A 86 -5.53 13.49 2.22
C ASN A 86 -6.15 14.10 3.48
N GLU A 87 -7.43 14.44 3.44
CA GLU A 87 -8.05 15.11 4.60
C GLU A 87 -8.05 14.23 5.86
N THR A 88 -8.08 12.91 5.67
CA THR A 88 -8.26 11.96 6.77
C THR A 88 -7.31 10.76 6.87
N THR A 89 -6.58 10.46 5.79
CA THR A 89 -5.82 9.23 5.67
C THR A 89 -4.37 9.58 5.38
N VAL A 90 -3.49 8.80 5.99
CA VAL A 90 -2.04 8.90 5.71
C VAL A 90 -1.51 7.51 5.44
N VAL A 91 -0.68 7.42 4.40
CA VAL A 91 -0.03 6.14 4.07
C VAL A 91 1.46 6.34 4.14
N PHE A 92 2.07 5.37 4.81
CA PHE A 92 3.50 5.26 5.01
C PHE A 92 3.99 4.05 4.21
N GLU A 93 4.87 4.32 3.24
CA GLU A 93 5.52 3.29 2.47
C GLU A 93 6.93 3.20 3.01
N PHE A 94 7.23 2.02 3.52
CA PHE A 94 8.52 1.78 4.22
C PHE A 94 9.16 0.42 3.93
N ARG A 95 10.43 0.32 4.37
CA ARG A 95 11.22 -0.93 4.25
C ARG A 95 11.61 -1.33 5.66
N ASP A 96 11.48 -2.62 5.96
CA ASP A 96 11.78 -3.08 7.30
C ASP A 96 12.57 -4.37 7.31
N GLU A 97 13.09 -4.63 8.48
CA GLU A 97 13.83 -5.88 8.72
C GLU A 97 14.01 -6.22 10.17
N GLY A 98 14.06 -7.53 10.38
CA GLY A 98 14.32 -8.12 11.72
C GLY A 98 14.44 -9.62 11.68
N LEU A 99 14.96 -10.16 12.79
CA LEU A 99 15.08 -11.61 12.94
C LEU A 99 13.81 -12.23 13.44
N PHE A 100 13.31 -13.12 12.60
CA PHE A 100 12.13 -13.92 12.89
C PHE A 100 12.66 -15.26 13.37
N LEU A 101 12.68 -15.45 14.68
CA LEU A 101 13.28 -16.66 15.28
C LEU A 101 14.64 -16.92 14.62
N GLY A 102 15.42 -15.86 14.59
CA GLY A 102 16.80 -15.91 14.21
C GLY A 102 17.01 -15.85 12.74
N LYS A 103 15.90 -15.84 12.02
CA LYS A 103 15.92 -15.87 10.54
C LYS A 103 15.63 -14.50 9.96
N PRO A 104 16.38 -14.09 8.94
CA PRO A 104 16.27 -12.76 8.37
C PRO A 104 14.98 -12.54 7.59
N TYR A 105 14.16 -11.66 8.16
CA TYR A 105 12.96 -11.14 7.54
C TYR A 105 13.25 -9.73 7.04
N LYS A 106 12.91 -9.50 5.79
CA LYS A 106 12.99 -8.18 5.18
C LYS A 106 11.76 -7.97 4.33
N ASN A 107 11.20 -6.77 4.37
CA ASN A 107 10.02 -6.49 3.55
C ASN A 107 9.84 -5.04 3.14
N ARG A 108 8.93 -4.88 2.21
CA ARG A 108 8.37 -3.60 1.85
C ARG A 108 6.93 -3.64 2.33
N VAL A 109 6.52 -2.54 2.93
CA VAL A 109 5.20 -2.45 3.55
C VAL A 109 4.59 -1.10 3.31
N ALA A 110 3.28 -1.10 3.16
CA ALA A 110 2.52 0.12 3.24
C ALA A 110 1.50 -0.03 4.35
N VAL A 111 1.53 0.89 5.29
N VAL A 111 1.54 0.94 5.23
CA VAL A 111 0.47 0.97 6.27
CA VAL A 111 0.58 1.09 6.33
C VAL A 111 -0.24 2.32 6.14
C VAL A 111 -0.25 2.35 6.05
N SER A 112 -1.56 2.20 6.17
CA SER A 112 -2.48 3.30 5.97
C SER A 112 -3.26 3.51 7.27
N PHE A 113 -3.25 4.76 7.75
CA PHE A 113 -4.05 5.13 8.94
C PHE A 113 -5.17 6.09 8.52
N ASP A 114 -6.33 5.99 9.17
CA ASP A 114 -7.30 7.09 9.21
C ASP A 114 -7.16 7.79 10.54
N VAL A 115 -7.26 9.11 10.48
CA VAL A 115 -7.21 9.98 11.67
C VAL A 115 -8.56 10.58 11.99
N ARG A 116 -8.87 10.54 13.27
CA ARG A 116 -10.04 11.20 13.84
C ARG A 116 -9.66 11.98 15.10
N GLY A 117 -9.60 13.29 14.93
CA GLY A 117 -9.19 14.17 16.04
C GLY A 117 -7.74 13.94 16.38
N ASP A 118 -7.51 13.61 17.63
CA ASP A 118 -6.15 13.43 18.16
C ASP A 118 -5.81 11.96 18.17
N LYS A 119 -6.66 11.18 17.49
CA LYS A 119 -6.49 9.72 17.42
C LYS A 119 -6.56 9.11 16.01
N ILE A 120 -6.25 7.82 16.00
CA ILE A 120 -6.29 6.94 14.80
C ILE A 120 -7.44 5.95 14.94
N CYS A 121 -8.28 5.89 13.89
CA CYS A 121 -9.53 5.10 13.95
C CYS A 121 -9.48 3.85 13.07
N SER A 122 -8.49 3.77 12.20
CA SER A 122 -8.33 2.52 11.44
C SER A 122 -6.93 2.39 10.86
N TYR A 123 -6.64 1.16 10.49
CA TYR A 123 -5.32 0.71 10.05
C TYR A 123 -5.49 -0.34 8.98
N ARG A 124 -4.66 -0.24 7.94
CA ARG A 124 -4.63 -1.21 6.87
C ARG A 124 -3.18 -1.44 6.48
N GLU A 125 -2.82 -2.71 6.43
CA GLU A 125 -1.48 -3.17 6.06
C GLU A 125 -1.46 -3.93 4.75
N TYR A 126 -0.46 -3.55 3.94
CA TYR A 126 -0.22 -4.15 2.61
C TYR A 126 1.25 -4.59 2.49
N PHE A 127 1.46 -5.75 1.87
CA PHE A 127 2.82 -6.33 1.67
C PHE A 127 3.32 -5.98 0.27
N GLY A 128 4.57 -5.48 0.18
CA GLY A 128 5.18 -5.04 -1.08
C GLY A 128 6.33 -5.89 -1.57
N SER A 129 6.77 -6.84 -0.75
CA SER A 129 7.79 -7.81 -1.17
C SER A 129 7.46 -9.21 -0.64
N ASP A 130 8.50 -10.02 -0.52
CA ASP A 130 8.38 -11.47 -0.28
C ASP A 130 8.93 -11.91 1.07
N GLY A 131 9.21 -10.94 1.93
CA GLY A 131 9.68 -11.22 3.28
C GLY A 131 11.13 -11.60 3.39
N LYS A 132 11.79 -11.65 2.23
CA LYS A 132 13.21 -12.04 2.07
C LYS A 132 14.08 -10.92 1.55
N SER A 133 13.43 -9.84 1.13
CA SER A 133 14.09 -8.79 0.38
C SER A 133 13.27 -7.51 0.40
N ASN A 134 13.95 -6.41 0.18
CA ASN A 134 13.26 -5.12 0.10
C ASN A 134 14.00 -4.06 -0.71
N GLY B 1 -0.59 15.63 1.73
CA GLY B 1 -1.08 16.92 2.33
C GLY B 1 -2.57 17.00 2.37
N THR B 4 -5.70 20.45 -1.39
CA THR B 4 -5.53 20.37 -2.82
C THR B 4 -6.17 21.56 -3.51
N HIS B 5 -5.99 21.56 -4.81
CA HIS B 5 -6.41 22.69 -5.66
C HIS B 5 -6.30 22.26 -7.09
N TYR B 6 -6.96 22.99 -7.97
CA TYR B 6 -7.03 22.55 -9.36
C TYR B 6 -5.61 22.51 -9.92
N SER B 7 -4.68 23.17 -9.23
CA SER B 7 -3.27 23.26 -9.71
C SER B 7 -2.41 22.09 -9.24
N ASP B 8 -3.07 21.14 -8.60
CA ASP B 8 -2.42 19.91 -8.09
C ASP B 8 -2.19 18.92 -9.26
N ASN B 9 -1.13 19.18 -10.01
CA ASN B 9 -0.78 18.38 -11.20
C ASN B 9 -0.53 16.93 -10.86
N THR B 10 0.03 16.72 -9.68
CA THR B 10 0.38 15.36 -9.22
C THR B 10 -0.88 14.49 -9.14
N LEU B 11 -1.89 14.99 -8.44
CA LEU B 11 -3.22 14.33 -8.35
C LEU B 11 -3.86 14.14 -9.71
N LYS B 12 -3.86 15.21 -10.51
CA LYS B 12 -4.50 15.16 -11.84
C LYS B 12 -3.85 14.10 -12.74
N VAL B 13 -2.53 14.11 -12.82
CA VAL B 13 -1.83 13.17 -13.69
C VAL B 13 -2.03 11.73 -13.18
N ALA B 14 -1.97 11.57 -11.85
CA ALA B 14 -2.10 10.23 -11.22
C ALA B 14 -3.49 9.65 -11.49
N HIS B 15 -4.48 10.52 -11.38
CA HIS B 15 -5.87 10.12 -11.66
C HIS B 15 -6.02 9.70 -13.11
N GLN B 16 -5.38 10.43 -14.01
CA GLN B 16 -5.48 10.06 -15.44
C GLN B 16 -4.86 8.69 -15.67
N GLY B 17 -3.72 8.48 -15.01
CA GLY B 17 -3.04 7.20 -15.00
C GLY B 17 -3.87 6.08 -14.44
N PHE B 18 -4.55 6.35 -13.33
CA PHE B 18 -5.37 5.32 -12.71
C PHE B 18 -6.55 4.94 -13.57
N GLU B 19 -7.08 5.92 -14.30
CA GLU B 19 -8.14 5.65 -15.31
C GLU B 19 -7.63 4.66 -16.36
N PHE B 20 -6.44 4.90 -16.89
CA PHE B 20 -5.92 4.05 -17.96
C PHE B 20 -5.52 2.68 -17.42
N PHE B 21 -5.22 2.68 -16.13
CA PHE B 21 -4.86 1.44 -15.40
C PHE B 21 -6.10 0.55 -15.24
N THR B 22 -7.15 1.20 -14.78
CA THR B 22 -8.49 0.57 -14.68
C THR B 22 -8.88 -0.07 -16.02
N GLN B 23 -8.66 0.70 -17.08
CA GLN B 23 -9.03 0.27 -18.44
C GLN B 23 -8.19 -0.92 -18.86
N GLY B 24 -6.89 -0.88 -18.53
CA GLY B 24 -6.01 -1.99 -18.81
C GLY B 24 -6.44 -3.25 -18.11
N LEU B 25 -6.80 -3.10 -16.83
CA LEU B 25 -7.24 -4.25 -16.07
C LEU B 25 -8.52 -4.85 -16.68
N ALA B 26 -9.46 -3.99 -17.08
CA ALA B 26 -10.79 -4.47 -17.51
C ALA B 26 -10.75 -5.09 -18.91
N THR B 27 -9.85 -4.60 -19.74
CA THR B 27 -9.87 -4.87 -21.20
C THR B 27 -8.63 -5.54 -21.79
N GLY B 28 -7.55 -5.53 -21.04
CA GLY B 28 -6.28 -6.10 -21.44
C GLY B 28 -5.55 -5.21 -22.43
N GLU B 29 -6.08 -4.01 -22.64
CA GLU B 29 -5.43 -3.04 -23.51
C GLU B 29 -4.67 -2.01 -22.70
N TRP B 30 -3.35 -2.02 -22.84
CA TRP B 30 -2.50 -1.25 -21.92
C TRP B 30 -1.81 -0.04 -22.54
N GLN B 31 -2.03 0.20 -23.83
CA GLN B 31 -1.23 1.22 -24.54
C GLN B 31 -1.41 2.63 -23.96
N LYS B 32 -2.65 2.96 -23.59
CA LYS B 32 -2.96 4.30 -23.10
C LYS B 32 -2.19 4.53 -21.80
N PHE B 33 -2.09 3.48 -20.99
CA PHE B 33 -1.35 3.57 -19.71
C PHE B 33 0.14 3.70 -19.98
N LEU B 34 0.63 2.89 -20.90
CA LEU B 34 2.06 2.85 -21.19
C LEU B 34 2.53 4.20 -21.72
N ASP B 35 1.64 4.83 -22.46
CA ASP B 35 1.97 6.07 -23.17
C ASP B 35 2.17 7.20 -22.17
N LEU B 37 3.82 6.73 -19.34
CA LEU B 37 4.98 6.36 -18.52
C LEU B 37 6.26 6.98 -19.09
N THR B 38 7.11 7.43 -18.19
CA THR B 38 8.42 7.96 -18.61
C THR B 38 9.32 6.86 -19.15
N GLU B 39 10.36 7.30 -19.84
CA GLU B 39 11.28 6.39 -20.51
C GLU B 39 12.09 5.63 -19.47
N ASP B 40 12.22 6.25 -18.30
CA ASP B 40 13.01 5.71 -17.18
C ASP B 40 12.11 5.09 -16.13
N PHE B 41 10.89 4.79 -16.55
CA PHE B 41 9.85 4.19 -15.65
C PHE B 41 10.42 2.97 -14.94
N THR B 42 10.13 2.88 -13.64
CA THR B 42 10.44 1.68 -12.88
C THR B 42 9.19 1.19 -12.15
N PHE B 43 9.16 -0.11 -11.91
CA PHE B 43 8.06 -0.65 -11.09
C PHE B 43 8.54 -1.75 -10.16
N TRP B 44 7.88 -1.77 -9.01
CA TRP B 44 8.21 -2.72 -7.97
C TRP B 44 6.95 -3.58 -7.73
N PHE B 45 7.18 -4.88 -7.67
CA PHE B 45 6.12 -5.89 -7.54
C PHE B 45 6.53 -6.97 -6.52
N PRO B 46 5.58 -7.53 -5.74
CA PRO B 46 5.99 -8.31 -4.61
C PRO B 46 6.59 -9.65 -4.84
N GLY B 48 7.21 -13.40 -7.64
CA GLY B 48 7.26 -14.10 -8.91
C GLY B 48 8.28 -13.51 -9.84
N GLU B 49 8.02 -13.75 -11.13
CA GLU B 49 8.94 -13.36 -12.21
C GLU B 49 9.30 -11.90 -12.14
N PHE B 50 8.30 -11.10 -11.75
CA PHE B 50 8.41 -9.64 -11.68
C PHE B 50 8.70 -9.12 -10.26
N HIS B 51 9.09 -10.03 -9.37
CA HIS B 51 9.49 -9.58 -8.03
C HIS B 51 10.56 -8.51 -8.08
N GLY B 52 10.45 -7.59 -7.15
CA GLY B 52 11.40 -6.51 -6.96
C GLY B 52 11.32 -5.39 -7.96
N LEU B 53 12.50 -4.82 -8.22
CA LEU B 53 12.63 -3.64 -9.08
C LEU B 53 12.76 -4.05 -10.53
N ASN B 54 11.91 -3.43 -11.34
CA ASN B 54 11.87 -3.63 -12.78
C ASN B 54 12.10 -2.31 -13.48
N VAL B 55 12.89 -2.33 -14.55
CA VAL B 55 13.27 -1.11 -15.23
C VAL B 55 12.85 -1.03 -16.70
N GLY B 56 12.19 0.06 -17.01
CA GLY B 56 11.86 0.41 -18.40
C GLY B 56 10.48 0.00 -18.91
N LYS B 57 10.09 0.66 -20.00
CA LYS B 57 8.74 0.51 -20.56
C LYS B 57 8.51 -0.83 -21.28
N GLU B 58 9.57 -1.42 -21.80
CA GLU B 58 9.44 -2.73 -22.45
C GLU B 58 9.05 -3.82 -21.45
N ARG B 59 9.78 -3.78 -20.36
CA ARG B 59 9.56 -4.68 -19.24
C ARG B 59 8.16 -4.40 -18.65
N ALA B 60 7.79 -3.13 -18.61
CA ALA B 60 6.42 -2.78 -18.12
C ALA B 60 5.34 -3.44 -18.98
N LYS B 61 5.50 -3.35 -20.28
CA LYS B 61 4.53 -3.93 -21.21
C LYS B 61 4.44 -5.42 -20.98
N GLU B 62 5.59 -6.02 -20.70
N GLU B 62 5.60 -6.00 -20.70
CA GLU B 62 5.67 -7.47 -20.50
CA GLU B 62 5.72 -7.42 -20.45
C GLU B 62 4.86 -7.80 -19.24
C GLU B 62 4.84 -7.75 -19.27
N PHE B 63 5.04 -6.96 -18.23
CA PHE B 63 4.36 -7.15 -16.93
C PHE B 63 2.85 -7.06 -17.10
N PHE B 64 2.43 -5.97 -17.73
CA PHE B 64 0.98 -5.69 -17.79
C PHE B 64 0.26 -6.71 -18.68
N THR B 65 0.94 -7.15 -19.72
CA THR B 65 0.41 -8.18 -20.61
C THR B 65 0.25 -9.47 -19.86
N TYR B 66 1.19 -9.72 -18.97
CA TYR B 66 1.26 -10.95 -18.21
C TYR B 66 0.12 -10.94 -17.21
N VAL B 67 -0.12 -9.76 -16.65
CA VAL B 67 -1.21 -9.60 -15.69
C VAL B 67 -2.52 -10.02 -16.34
N SER B 68 -2.72 -9.57 -17.57
CA SER B 68 -4.02 -9.67 -18.22
C SER B 68 -4.20 -11.03 -18.85
N GLU B 69 -3.09 -11.73 -18.98
N GLU B 69 -3.10 -11.74 -18.96
CA GLU B 69 -3.03 -12.96 -19.77
CA GLU B 69 -3.04 -12.96 -19.79
C GLU B 69 -4.02 -14.02 -19.30
C GLU B 69 -3.99 -14.05 -19.31
N SER B 70 -4.23 -14.08 -18.00
CA SER B 70 -5.06 -15.15 -17.40
C SER B 70 -6.41 -14.66 -16.92
N PHE B 71 -6.66 -13.38 -17.10
CA PHE B 71 -7.99 -12.86 -16.83
C PHE B 71 -8.74 -12.65 -18.13
N HIS B 72 -9.36 -13.73 -18.57
CA HIS B 72 -9.93 -13.76 -19.92
C HIS B 72 -11.04 -12.75 -20.14
N THR B 73 -11.64 -12.27 -19.05
CA THR B 73 -12.62 -11.22 -19.18
C THR B 73 -12.29 -10.03 -18.26
N GLY B 74 -11.01 -9.94 -17.93
CA GLY B 74 -10.48 -8.85 -17.12
C GLY B 74 -10.67 -8.91 -15.63
N ILE B 75 -10.13 -7.86 -15.03
CA ILE B 75 -10.25 -7.55 -13.60
C ILE B 75 -11.03 -6.25 -13.47
N GLN B 76 -11.98 -6.26 -12.56
CA GLN B 76 -12.79 -5.07 -12.21
C GLN B 76 -12.28 -4.47 -10.90
N ILE B 77 -12.31 -3.15 -10.88
CA ILE B 77 -12.14 -2.37 -9.65
C ILE B 77 -13.49 -2.20 -9.01
N SER B 78 -13.69 -2.95 -7.93
CA SER B 78 -14.97 -2.96 -7.20
C SER B 78 -15.22 -1.64 -6.43
N SER B 79 -14.14 -1.12 -5.87
CA SER B 79 -14.17 0.13 -5.13
C SER B 79 -12.78 0.77 -5.11
N LEU B 80 -12.78 2.07 -5.24
CA LEU B 80 -11.60 2.88 -5.01
C LEU B 80 -11.87 3.66 -3.74
N ASP B 81 -11.18 3.26 -2.68
CA ASP B 81 -11.58 3.59 -1.33
C ASP B 81 -10.84 4.76 -0.71
N ARG B 82 -9.54 4.86 -1.01
CA ARG B 82 -8.71 5.94 -0.47
C ARG B 82 -7.66 6.35 -1.48
N VAL B 83 -7.53 7.65 -1.68
CA VAL B 83 -6.47 8.20 -2.59
C VAL B 83 -5.75 9.26 -1.78
N THR B 84 -4.45 9.05 -1.58
CA THR B 84 -3.64 9.99 -0.81
C THR B 84 -2.50 10.48 -1.67
N SER B 85 -1.98 11.66 -1.33
CA SER B 85 -0.87 12.19 -2.13
C SER B 85 0.06 13.13 -1.36
N ASN B 86 1.13 13.47 -2.03
CA ASN B 86 2.04 14.53 -1.60
C ASN B 86 2.50 15.28 -2.85
N GLU B 87 3.67 15.89 -2.79
CA GLU B 87 4.13 16.72 -3.93
C GLU B 87 4.30 15.90 -5.21
N THR B 88 4.66 14.64 -5.07
CA THR B 88 5.11 13.81 -6.16
C THR B 88 4.49 12.43 -6.29
N THR B 89 3.91 11.92 -5.22
CA THR B 89 3.41 10.57 -5.13
C THR B 89 1.90 10.54 -4.81
N VAL B 90 1.24 9.56 -5.42
CA VAL B 90 -0.17 9.28 -5.14
C VAL B 90 -0.36 7.80 -4.89
N VAL B 91 -1.12 7.47 -3.85
CA VAL B 91 -1.48 6.08 -3.57
C VAL B 91 -2.98 5.91 -3.71
N PHE B 92 -3.32 4.84 -4.43
CA PHE B 92 -4.68 4.37 -4.61
C PHE B 92 -4.85 3.07 -3.84
N GLU B 93 -5.79 3.08 -2.89
CA GLU B 93 -6.15 1.88 -2.16
C GLU B 93 -7.50 1.46 -2.71
N PHE B 94 -7.52 0.24 -3.25
CA PHE B 94 -8.70 -0.24 -3.93
C PHE B 94 -8.97 -1.75 -3.70
N ARG B 95 -10.18 -2.15 -4.10
CA ARG B 95 -10.63 -3.55 -4.08
C ARG B 95 -10.89 -3.99 -5.50
N ASP B 96 -10.46 -5.21 -5.84
CA ASP B 96 -10.65 -5.73 -7.19
C ASP B 96 -11.12 -7.19 -7.21
N GLU B 97 -11.54 -7.57 -8.39
CA GLU B 97 -12.03 -8.94 -8.63
C GLU B 97 -12.14 -9.28 -10.09
N GLY B 98 -11.84 -10.55 -10.34
CA GLY B 98 -11.89 -11.11 -11.71
C GLY B 98 -11.64 -12.59 -11.73
N LEU B 99 -12.02 -13.21 -12.85
CA LEU B 99 -11.80 -14.66 -13.00
C LEU B 99 -10.43 -14.97 -13.51
N PHE B 100 -9.70 -15.69 -12.68
CA PHE B 100 -8.38 -16.17 -13.01
C PHE B 100 -8.53 -17.57 -13.61
N LEU B 101 -8.51 -17.66 -14.93
CA LEU B 101 -8.81 -18.95 -15.58
C LEU B 101 -10.06 -19.53 -14.96
N GLY B 102 -11.06 -18.67 -14.89
CA GLY B 102 -12.41 -19.04 -14.48
C GLY B 102 -12.62 -19.15 -12.99
N LYS B 103 -11.56 -18.94 -12.23
CA LYS B 103 -11.62 -19.02 -10.77
C LYS B 103 -11.61 -17.64 -10.11
N PRO B 104 -12.46 -17.46 -9.09
CA PRO B 104 -12.67 -16.15 -8.51
C PRO B 104 -11.46 -15.63 -7.73
N TYR B 105 -10.90 -14.58 -8.28
CA TYR B 105 -9.84 -13.82 -7.64
C TYR B 105 -10.44 -12.52 -7.13
N LYS B 106 -10.20 -12.28 -5.86
CA LYS B 106 -10.55 -11.01 -5.22
C LYS B 106 -9.42 -10.50 -4.35
N ASN B 107 -9.19 -9.19 -4.34
CA ASN B 107 -8.10 -8.68 -3.49
C ASN B 107 -8.31 -7.24 -3.04
N ARG B 108 -7.48 -6.86 -2.09
CA ARG B 108 -7.24 -5.47 -1.70
C ARG B 108 -5.84 -5.15 -2.16
N VAL B 109 -5.72 -3.99 -2.78
CA VAL B 109 -4.46 -3.57 -3.39
C VAL B 109 -4.16 -2.12 -3.10
N ALA B 110 -2.87 -1.80 -2.96
CA ALA B 110 -2.43 -0.40 -2.98
C ALA B 110 -1.40 -0.27 -4.10
N VAL B 111 -1.69 0.66 -5.01
CA VAL B 111 -0.76 1.05 -6.07
C VAL B 111 -0.32 2.49 -5.78
N SER B 112 0.98 2.68 -5.81
CA SER B 112 1.61 3.97 -5.59
C SER B 112 2.31 4.40 -6.87
N PHE B 113 1.99 5.61 -7.30
CA PHE B 113 2.60 6.24 -8.49
C PHE B 113 3.44 7.46 -8.08
N ASP B 114 4.59 7.63 -8.72
CA ASP B 114 5.26 8.94 -8.74
C ASP B 114 5.01 9.61 -10.06
N VAL B 115 4.81 10.91 -9.97
CA VAL B 115 4.54 11.75 -11.13
C VAL B 115 5.71 12.67 -11.44
N ARG B 116 6.01 12.75 -12.73
CA ARG B 116 6.96 13.71 -13.26
C ARG B 116 6.36 14.42 -14.46
N GLY B 117 6.02 15.67 -14.24
CA GLY B 117 5.36 16.50 -15.24
C GLY B 117 4.03 15.91 -15.62
N ASP B 118 3.91 15.54 -16.89
CA ASP B 118 2.62 15.04 -17.39
C ASP B 118 2.64 13.53 -17.52
N LYS B 119 3.59 12.90 -16.83
CA LYS B 119 3.77 11.44 -16.87
C LYS B 119 4.05 10.81 -15.52
N ILE B 120 4.04 9.49 -15.53
CA ILE B 120 4.32 8.66 -14.33
C ILE B 120 5.67 7.99 -14.50
N CYS B 121 6.52 8.12 -13.48
CA CYS B 121 7.92 7.68 -13.58
C CYS B 121 8.21 6.46 -12.73
N SER B 122 7.28 6.11 -11.84
CA SER B 122 7.44 4.89 -11.04
C SER B 122 6.11 4.36 -10.51
N TYR B 123 6.12 3.07 -10.23
CA TYR B 123 4.95 2.33 -9.75
C TYR B 123 5.40 1.33 -8.70
N ARG B 124 4.58 1.20 -7.66
CA ARG B 124 4.79 0.21 -6.63
C ARG B 124 3.44 -0.41 -6.25
N GLU B 125 3.39 -1.73 -6.27
CA GLU B 125 2.19 -2.47 -5.88
C GLU B 125 2.37 -3.23 -4.59
N TYR B 126 1.32 -3.16 -3.79
CA TYR B 126 1.26 -3.86 -2.50
C TYR B 126 -0.05 -4.67 -2.39
N PHE B 127 0.05 -5.86 -1.80
CA PHE B 127 -1.10 -6.79 -1.59
C PHE B 127 -1.69 -6.61 -0.18
N GLY B 128 -3.01 -6.48 -0.10
CA GLY B 128 -3.71 -6.23 1.18
C GLY B 128 -4.66 -7.31 1.62
N SER B 129 -4.86 -8.30 0.75
CA SER B 129 -5.60 -9.51 1.11
C SER B 129 -4.95 -10.78 0.53
N ASP B 130 -5.77 -11.81 0.40
CA ASP B 130 -5.26 -13.18 0.11
C ASP B 130 -5.64 -13.70 -1.26
N GLY B 131 -6.18 -12.80 -2.08
CA GLY B 131 -6.61 -13.17 -3.45
C GLY B 131 -7.92 -13.93 -3.56
N LYS B 132 -8.52 -14.19 -2.40
CA LYS B 132 -9.76 -14.96 -2.27
C LYS B 132 -10.89 -14.08 -1.71
N SER B 133 -10.50 -12.90 -1.24
CA SER B 133 -11.40 -12.05 -0.49
C SER B 133 -10.91 -10.59 -0.46
N ASN B 134 -11.84 -9.69 -0.23
CA ASN B 134 -11.53 -8.28 -0.09
C ASN B 134 -12.49 -7.46 0.78
#